data_4K88
#
_entry.id   4K88
#
_cell.length_a   120.813
_cell.length_b   120.813
_cell.length_c   104.711
_cell.angle_alpha   90.000
_cell.angle_beta   90.000
_cell.angle_gamma   120.000
#
_symmetry.space_group_name_H-M   'P 31 2 1'
#
loop_
_entity.id
_entity.type
_entity.pdbx_description
1 polymer 'Proline--tRNA ligase'
2 non-polymer 'ZINC ION'
3 non-polymer 7-bromo-6-chloro-3-{3-[(2R,3S)-3-hydroxypiperidin-2-yl]-2-oxopropyl}quinazolin-4(3H)-one
4 water water
#
_entity_poly.entity_id   1
_entity_poly.type   'polypeptide(L)'
_entity_poly.pdbx_seq_one_letter_code
;MGSSHHHHHHSSGLVPRGSHMASGAGEGQGPKKQTRLGLEAKKEENLADWYSQVITKSEMIEYHDISGCYILRPWAYAIW
EAIKDFFDAEIKKLGVENCYFPMFVSQSALEKEKTHVADFAPEVAWVTRSGKTELAEPIAIRPTSETVMYPAYAKWVQSH
RDLPIKLNQWCNVVRWEFKHPQPFLRTREFLWQEGHSAFATMEEAAEEVLQILDLYAQVYEELLAIPVVKGRKTEKEKFA
GGDYTTTIEAFISASGRAIQGGTSHHLGQNFSKMFEIVFEDPKIPGEKQFAYQNSWGLTTRTIGVMTMVHGDNMGLVLPP
RVACVQVVIIPCGITNALSEEDKEALIAKCNDYRRRLLSVNIRVRADLRDNYSPGWKFNHWELKGVPIRLEVGPRDMKSC
QFVAVRRDTGEKLTVAENEAETKLQAILEDIQVTLFTRASEDLKTHMVVANTMEDFQKILDSGKIVQIPFCGEIDCEDWI
KKTTARDQDLEPGAPSMGAKSLCIPFKPLCELQPGAKCVCGKNPAKYYTLFGRSY
;
_entity_poly.pdbx_strand_id   A
#
# COMPACT_ATOMS: atom_id res chain seq x y z
N LEU A 39 2.14 3.04 -25.09
CA LEU A 39 3.00 3.67 -24.09
C LEU A 39 4.21 4.31 -24.72
N GLU A 40 4.24 5.64 -24.73
CA GLU A 40 5.34 6.37 -25.33
C GLU A 40 6.56 6.47 -24.42
N ALA A 41 6.34 6.89 -23.18
CA ALA A 41 7.43 7.02 -22.23
C ALA A 41 7.93 5.64 -21.80
N LYS A 42 9.05 5.64 -21.08
CA LYS A 42 9.69 4.40 -20.68
C LYS A 42 10.12 4.48 -19.23
N LYS A 43 9.98 3.37 -18.51
CA LYS A 43 10.24 3.35 -17.08
C LYS A 43 11.65 3.81 -16.76
N GLU A 44 12.63 3.19 -17.40
CA GLU A 44 14.01 3.52 -17.19
C GLU A 44 14.32 4.99 -17.50
N GLU A 45 13.55 5.60 -18.38
CA GLU A 45 13.90 6.92 -18.91
C GLU A 45 13.17 8.12 -18.30
N ASN A 46 11.88 8.29 -18.60
CA ASN A 46 11.12 9.32 -17.88
C ASN A 46 10.06 8.69 -17.00
N LEU A 47 10.49 8.25 -15.83
CA LEU A 47 9.61 7.57 -14.89
C LEU A 47 8.39 8.40 -14.55
N ALA A 48 8.63 9.67 -14.26
CA ALA A 48 7.55 10.59 -13.90
C ALA A 48 6.46 10.62 -14.95
N ASP A 49 6.84 10.42 -16.21
CA ASP A 49 5.86 10.38 -17.28
C ASP A 49 5.25 9.01 -17.45
N TRP A 50 6.11 7.98 -17.48
CA TRP A 50 5.68 6.59 -17.55
C TRP A 50 4.53 6.29 -16.62
N TYR A 51 4.69 6.64 -15.34
CA TYR A 51 3.68 6.41 -14.32
C TYR A 51 2.38 7.08 -14.71
N SER A 52 2.44 8.36 -15.05
CA SER A 52 1.25 9.13 -15.40
C SER A 52 0.58 8.65 -16.67
N GLN A 53 1.33 7.97 -17.53
CA GLN A 53 0.75 7.39 -18.73
C GLN A 53 0.14 6.03 -18.43
N VAL A 54 0.84 5.21 -17.65
CA VAL A 54 0.35 3.90 -17.29
C VAL A 54 -0.98 3.96 -16.54
N ILE A 55 -1.07 4.86 -15.57
CA ILE A 55 -2.28 4.92 -14.75
C ILE A 55 -3.49 5.53 -15.46
N THR A 56 -3.26 6.29 -16.53
CA THR A 56 -4.37 6.83 -17.31
C THR A 56 -4.79 5.85 -18.39
N LYS A 57 -3.81 5.29 -19.09
CA LYS A 57 -4.09 4.42 -20.22
C LYS A 57 -4.50 3.03 -19.78
N SER A 58 -4.45 2.77 -18.48
CA SER A 58 -4.99 1.53 -17.94
C SER A 58 -6.35 1.80 -17.33
N GLU A 59 -6.86 3.01 -17.54
CA GLU A 59 -8.19 3.40 -17.08
C GLU A 59 -8.34 3.24 -15.57
N MET A 60 -7.30 3.67 -14.84
CA MET A 60 -7.22 3.56 -13.39
C MET A 60 -7.52 4.89 -12.74
N ILE A 61 -6.99 5.94 -13.35
CA ILE A 61 -6.98 7.27 -12.76
C ILE A 61 -7.52 8.25 -13.78
N GLU A 62 -8.19 9.29 -13.29
CA GLU A 62 -8.64 10.37 -14.14
C GLU A 62 -8.54 11.67 -13.37
N TYR A 63 -7.81 12.63 -13.93
CA TYR A 63 -7.53 13.90 -13.27
C TYR A 63 -8.81 14.72 -13.08
N HIS A 64 -8.81 15.57 -12.06
CA HIS A 64 -9.99 16.33 -11.68
C HIS A 64 -9.71 17.83 -11.82
N ASP A 65 -10.77 18.64 -11.87
CA ASP A 65 -10.59 20.09 -12.02
C ASP A 65 -9.99 20.78 -10.80
N ILE A 66 -9.49 19.98 -9.86
CA ILE A 66 -8.72 20.49 -8.73
C ILE A 66 -7.50 19.62 -8.61
N SER A 67 -6.32 20.21 -8.72
CA SER A 67 -5.11 19.40 -8.66
C SER A 67 -4.94 18.81 -7.26
N GLY A 68 -4.29 17.66 -7.20
CA GLY A 68 -4.13 16.94 -5.95
C GLY A 68 -5.26 15.95 -5.76
N CYS A 69 -6.33 16.12 -6.52
CA CYS A 69 -7.49 15.27 -6.42
C CYS A 69 -7.62 14.43 -7.67
N TYR A 70 -7.98 13.16 -7.52
CA TYR A 70 -8.02 12.23 -8.64
C TYR A 70 -9.23 11.32 -8.58
N ILE A 71 -9.60 10.78 -9.73
CA ILE A 71 -10.75 9.88 -9.79
C ILE A 71 -10.31 8.43 -9.82
N LEU A 72 -10.75 7.67 -8.83
CA LEU A 72 -10.51 6.25 -8.80
C LEU A 72 -11.51 5.56 -9.69
N ARG A 73 -11.08 5.25 -10.91
CA ARG A 73 -11.89 4.48 -11.83
C ARG A 73 -11.92 3.03 -11.35
N PRO A 74 -12.88 2.24 -11.83
CA PRO A 74 -13.06 0.85 -11.40
C PRO A 74 -11.82 -0.03 -11.43
N TRP A 75 -10.96 0.12 -12.43
CA TRP A 75 -9.82 -0.77 -12.56
C TRP A 75 -8.91 -0.65 -11.35
N ALA A 76 -8.83 0.55 -10.79
CA ALA A 76 -8.06 0.76 -9.59
C ALA A 76 -8.85 0.43 -8.31
N TYR A 77 -10.09 0.91 -8.24
CA TYR A 77 -10.91 0.70 -7.05
C TYR A 77 -11.07 -0.78 -6.71
N ALA A 78 -11.11 -1.64 -7.73
CA ALA A 78 -11.25 -3.07 -7.50
C ALA A 78 -10.02 -3.64 -6.83
N ILE A 79 -8.88 -2.97 -6.99
CA ILE A 79 -7.68 -3.36 -6.29
C ILE A 79 -7.75 -2.91 -4.85
N TRP A 80 -8.27 -1.71 -4.63
CA TRP A 80 -8.48 -1.22 -3.27
C TRP A 80 -9.48 -2.10 -2.56
N GLU A 81 -10.52 -2.49 -3.28
CA GLU A 81 -11.58 -3.30 -2.72
C GLU A 81 -11.09 -4.71 -2.43
N ALA A 82 -10.08 -5.14 -3.18
CA ALA A 82 -9.48 -6.45 -2.98
C ALA A 82 -8.66 -6.45 -1.70
N ILE A 83 -7.92 -5.37 -1.50
CA ILE A 83 -7.15 -5.18 -0.28
C ILE A 83 -8.11 -5.10 0.89
N LYS A 84 -9.14 -4.29 0.72
CA LYS A 84 -10.17 -4.11 1.74
C LYS A 84 -10.81 -5.43 2.18
N ASP A 85 -11.04 -6.34 1.25
CA ASP A 85 -11.69 -7.61 1.56
C ASP A 85 -10.82 -8.50 2.40
N PHE A 86 -9.53 -8.50 2.09
CA PHE A 86 -8.57 -9.32 2.81
C PHE A 86 -8.40 -8.80 4.22
N PHE A 87 -8.06 -7.52 4.31
CA PHE A 87 -7.75 -6.92 5.58
C PHE A 87 -8.94 -7.03 6.53
N ASP A 88 -10.08 -6.53 6.07
CA ASP A 88 -11.33 -6.55 6.83
C ASP A 88 -11.57 -7.92 7.45
N ALA A 89 -11.26 -8.95 6.69
CA ALA A 89 -11.50 -10.32 7.11
C ALA A 89 -10.59 -10.73 8.24
N GLU A 90 -9.41 -10.11 8.28
CA GLU A 90 -8.38 -10.51 9.24
C GLU A 90 -8.46 -9.76 10.54
N ILE A 91 -8.77 -8.47 10.49
CA ILE A 91 -8.90 -7.71 11.71
C ILE A 91 -10.12 -8.17 12.48
N LYS A 92 -11.13 -8.65 11.77
CA LYS A 92 -12.32 -9.12 12.45
C LYS A 92 -12.07 -10.43 13.18
N LYS A 93 -11.17 -11.25 12.64
CA LYS A 93 -10.72 -12.43 13.35
C LYS A 93 -10.00 -12.00 14.63
N LEU A 94 -9.44 -10.79 14.61
CA LEU A 94 -8.73 -10.27 15.78
C LEU A 94 -9.66 -9.62 16.78
N GLY A 95 -10.95 -9.54 16.45
CA GLY A 95 -11.91 -8.97 17.37
C GLY A 95 -12.21 -7.50 17.15
N VAL A 96 -11.74 -6.96 16.03
CA VAL A 96 -12.00 -5.56 15.67
C VAL A 96 -13.36 -5.44 14.99
N GLU A 97 -14.04 -4.33 15.22
CA GLU A 97 -15.34 -4.10 14.61
C GLU A 97 -15.26 -2.80 13.83
N ASN A 98 -15.92 -2.74 12.68
CA ASN A 98 -15.91 -1.52 11.87
C ASN A 98 -16.94 -0.51 12.34
N CYS A 99 -16.71 0.75 12.00
CA CYS A 99 -17.61 1.82 12.41
C CYS A 99 -17.43 3.02 11.50
N TYR A 100 -18.15 4.10 11.78
CA TYR A 100 -17.94 5.34 11.05
C TYR A 100 -18.10 6.59 11.92
N PHE A 101 -16.99 7.28 12.15
CA PHE A 101 -17.00 8.54 12.87
C PHE A 101 -17.12 9.67 11.86
N PRO A 102 -17.58 10.85 12.31
CA PRO A 102 -17.72 11.98 11.38
C PRO A 102 -16.37 12.46 10.87
N MET A 103 -16.37 13.25 9.79
CA MET A 103 -15.12 13.78 9.24
C MET A 103 -14.86 15.18 9.79
N PHE A 104 -15.90 15.81 10.28
CA PHE A 104 -15.80 17.16 10.81
C PHE A 104 -15.29 17.16 12.25
N VAL A 105 -14.11 17.73 12.43
CA VAL A 105 -13.53 17.87 13.76
C VAL A 105 -13.51 19.36 14.12
N SER A 106 -14.19 19.72 15.20
CA SER A 106 -14.38 21.13 15.53
C SER A 106 -13.09 21.77 16.03
N GLN A 107 -13.04 23.09 15.93
CA GLN A 107 -11.81 23.82 16.25
C GLN A 107 -11.43 23.60 17.69
N SER A 108 -12.40 23.69 18.59
CA SER A 108 -12.14 23.46 19.99
C SER A 108 -11.84 22.00 20.26
N ALA A 109 -11.33 21.25 19.28
CA ALA A 109 -10.99 19.86 19.52
C ALA A 109 -9.50 19.60 19.28
N LEU A 110 -9.06 19.86 18.05
CA LEU A 110 -7.63 19.80 17.75
C LEU A 110 -6.96 20.77 18.68
N GLU A 111 -7.37 22.04 18.57
CA GLU A 111 -6.79 23.10 19.37
C GLU A 111 -7.02 22.93 20.86
N LYS A 112 -8.17 22.39 21.23
CA LYS A 112 -8.47 22.16 22.63
C LYS A 112 -7.45 21.27 23.28
N GLU A 113 -6.94 20.31 22.51
CA GLU A 113 -5.86 19.48 22.99
C GLU A 113 -4.62 19.82 22.19
N LYS A 114 -3.60 18.98 22.31
CA LYS A 114 -2.44 19.13 21.48
C LYS A 114 -2.02 17.75 21.03
N THR A 115 -2.95 17.07 20.35
CA THR A 115 -2.67 15.84 19.64
C THR A 115 -1.44 16.10 18.83
N HIS A 116 -1.63 16.95 17.83
CA HIS A 116 -0.56 17.63 17.16
C HIS A 116 0.42 18.25 18.19
N VAL A 117 1.74 18.18 17.98
CA VAL A 117 2.42 17.75 16.76
C VAL A 117 1.96 18.69 15.64
N ALA A 118 2.05 19.99 15.93
CA ALA A 118 1.34 21.01 15.17
C ALA A 118 2.05 21.45 13.90
N ASP A 119 3.06 20.69 13.50
CA ASP A 119 3.77 20.96 12.27
C ASP A 119 2.82 20.85 11.09
N PHE A 120 1.88 19.92 11.19
CA PHE A 120 0.99 19.62 10.07
C PHE A 120 -0.20 20.55 10.01
N ALA A 121 -0.41 21.33 11.07
CA ALA A 121 -1.54 22.27 11.14
C ALA A 121 -1.81 23.18 9.92
N PRO A 122 -0.76 23.56 9.15
CA PRO A 122 -1.11 24.39 7.99
C PRO A 122 -1.52 23.58 6.77
N GLU A 123 -1.82 22.30 6.96
CA GLU A 123 -2.27 21.46 5.87
C GLU A 123 -3.72 21.03 6.06
N VAL A 124 -4.39 21.55 7.09
CA VAL A 124 -5.79 21.21 7.31
C VAL A 124 -6.73 22.21 6.65
N ALA A 125 -7.67 21.69 5.86
CA ALA A 125 -8.67 22.53 5.22
C ALA A 125 -9.72 22.93 6.25
N TRP A 126 -10.49 23.97 5.95
CA TRP A 126 -11.47 24.47 6.90
C TRP A 126 -12.79 24.82 6.24
N VAL A 127 -13.87 24.53 6.93
CA VAL A 127 -15.18 24.95 6.48
C VAL A 127 -15.58 26.21 7.23
N THR A 128 -16.11 27.19 6.51
CA THR A 128 -16.37 28.49 7.12
C THR A 128 -17.75 29.07 6.82
N ARG A 129 -18.37 28.65 5.72
CA ARG A 129 -19.67 29.22 5.36
C ARG A 129 -20.66 28.20 4.78
N SER A 130 -21.91 28.30 5.23
CA SER A 130 -22.97 27.43 4.76
C SER A 130 -23.80 28.13 3.71
N GLY A 131 -23.38 28.01 2.45
CA GLY A 131 -23.86 28.91 1.43
C GLY A 131 -23.08 30.18 1.69
N LYS A 132 -23.74 31.32 1.65
CA LYS A 132 -23.04 32.57 1.93
C LYS A 132 -22.95 32.86 3.43
N THR A 133 -24.00 32.51 4.17
CA THR A 133 -24.01 32.74 5.62
C THR A 133 -22.76 32.19 6.29
N GLU A 134 -22.02 33.08 6.97
CA GLU A 134 -20.84 32.71 7.72
C GLU A 134 -21.24 31.73 8.82
N LEU A 135 -20.25 31.13 9.47
CA LEU A 135 -20.51 30.11 10.46
C LEU A 135 -19.86 30.43 11.80
N ALA A 136 -20.47 29.92 12.87
CA ALA A 136 -20.05 30.17 14.25
C ALA A 136 -18.55 29.99 14.51
N GLU A 137 -18.08 28.76 14.36
CA GLU A 137 -16.66 28.46 14.44
C GLU A 137 -16.34 27.68 13.17
N PRO A 138 -15.07 27.67 12.74
CA PRO A 138 -14.86 26.91 11.50
C PRO A 138 -14.57 25.46 11.84
N ILE A 139 -14.86 24.56 10.91
CA ILE A 139 -14.63 23.15 11.16
C ILE A 139 -13.60 22.59 10.20
N ALA A 140 -12.84 21.63 10.68
CA ALA A 140 -11.80 21.01 9.87
C ALA A 140 -12.27 19.72 9.22
N ILE A 141 -11.62 19.38 8.12
CA ILE A 141 -11.80 18.10 7.47
C ILE A 141 -10.79 17.14 8.07
N ARG A 142 -11.24 15.97 8.51
CA ARG A 142 -10.34 15.00 9.16
C ARG A 142 -9.11 14.73 8.32
N PRO A 143 -7.94 14.91 8.92
CA PRO A 143 -6.68 14.47 8.33
C PRO A 143 -6.29 13.15 8.95
N THR A 144 -7.02 12.83 10.02
CA THR A 144 -6.86 11.60 10.79
C THR A 144 -7.95 11.78 11.82
N SER A 145 -8.15 10.81 12.71
CA SER A 145 -9.36 10.83 13.52
C SER A 145 -9.20 10.73 15.04
N GLU A 146 -7.98 10.88 15.54
CA GLU A 146 -7.74 10.82 16.98
C GLU A 146 -8.61 11.81 17.73
N THR A 147 -8.70 13.01 17.19
CA THR A 147 -9.39 14.12 17.83
C THR A 147 -10.91 13.94 17.83
N VAL A 148 -11.40 13.10 16.93
CA VAL A 148 -12.82 12.86 16.82
C VAL A 148 -13.21 11.62 17.61
N MET A 149 -12.33 10.62 17.61
CA MET A 149 -12.63 9.33 18.21
C MET A 149 -12.38 9.29 19.71
N TYR A 150 -11.24 9.80 20.15
CA TYR A 150 -10.79 9.63 21.54
C TYR A 150 -11.61 10.29 22.65
N PRO A 151 -12.22 11.46 22.39
CA PRO A 151 -13.18 11.97 23.38
C PRO A 151 -14.27 10.95 23.65
N ALA A 152 -14.69 10.25 22.61
CA ALA A 152 -15.74 9.26 22.74
C ALA A 152 -15.24 8.02 23.48
N TYR A 153 -14.04 7.55 23.13
CA TYR A 153 -13.46 6.39 23.80
C TYR A 153 -13.50 6.61 25.31
N ALA A 154 -13.20 7.85 25.72
CA ALA A 154 -13.24 8.23 27.12
C ALA A 154 -14.60 7.99 27.74
N LYS A 155 -15.66 8.23 26.97
CA LYS A 155 -17.02 8.12 27.47
C LYS A 155 -17.48 6.68 27.54
N TRP A 156 -17.00 5.86 26.61
CA TRP A 156 -17.43 4.48 26.55
C TRP A 156 -16.68 3.65 27.58
N VAL A 157 -15.44 4.04 27.88
CA VAL A 157 -14.69 3.37 28.93
C VAL A 157 -15.05 3.92 30.30
N GLN A 158 -16.06 3.30 30.91
CA GLN A 158 -16.41 3.67 32.26
C GLN A 158 -15.81 2.66 33.22
N SER A 159 -16.36 1.45 33.22
CA SER A 159 -15.79 0.39 34.02
C SER A 159 -14.51 -0.07 33.36
N HIS A 160 -13.80 -0.99 33.99
CA HIS A 160 -12.68 -1.64 33.33
C HIS A 160 -13.26 -2.66 32.39
N ARG A 161 -14.54 -2.97 32.60
CA ARG A 161 -15.26 -3.94 31.79
C ARG A 161 -15.37 -3.51 30.33
N ASP A 162 -15.35 -2.20 30.08
CA ASP A 162 -15.57 -1.69 28.74
C ASP A 162 -14.31 -1.74 27.88
N LEU A 163 -13.36 -2.58 28.28
CA LEU A 163 -12.12 -2.74 27.54
C LEU A 163 -11.89 -4.19 27.17
N PRO A 164 -11.25 -4.46 26.03
CA PRO A 164 -10.73 -3.47 25.08
C PRO A 164 -11.78 -2.83 24.20
N ILE A 165 -11.35 -1.79 23.50
CA ILE A 165 -12.16 -1.14 22.50
C ILE A 165 -11.32 -1.10 21.23
N LYS A 166 -11.60 -2.03 20.33
CA LYS A 166 -10.90 -2.06 19.05
C LYS A 166 -11.88 -1.65 17.96
N LEU A 167 -11.55 -0.56 17.26
CA LEU A 167 -12.43 -0.06 16.21
C LEU A 167 -11.65 0.33 14.97
N ASN A 168 -12.26 0.10 13.81
CA ASN A 168 -11.66 0.41 12.55
C ASN A 168 -12.61 1.26 11.72
N GLN A 169 -12.08 2.11 10.85
CA GLN A 169 -12.93 2.72 9.83
C GLN A 169 -12.29 2.88 8.46
N TRP A 170 -13.05 2.56 7.43
CA TRP A 170 -12.64 2.80 6.06
C TRP A 170 -13.25 4.11 5.62
N CYS A 171 -12.40 5.10 5.38
CA CYS A 171 -12.90 6.43 5.07
C CYS A 171 -11.92 7.20 4.21
N ASN A 172 -12.35 8.37 3.76
CA ASN A 172 -11.46 9.29 3.08
C ASN A 172 -10.88 10.26 4.08
N VAL A 173 -9.66 10.72 3.80
CA VAL A 173 -9.06 11.74 4.63
C VAL A 173 -8.44 12.81 3.73
N VAL A 174 -8.35 14.02 4.25
CA VAL A 174 -7.87 15.14 3.45
C VAL A 174 -6.74 15.90 4.13
N ARG A 175 -5.57 15.86 3.51
CA ARG A 175 -4.44 16.64 3.96
C ARG A 175 -4.07 17.57 2.81
N TRP A 176 -3.49 18.73 3.11
CA TRP A 176 -3.19 19.63 2.01
C TRP A 176 -1.72 19.66 1.64
N GLU A 177 -1.47 19.73 0.34
CA GLU A 177 -0.11 19.76 -0.16
C GLU A 177 0.02 20.59 -1.42
N PHE A 178 1.04 21.44 -1.43
CA PHE A 178 1.35 22.22 -2.61
C PHE A 178 2.43 21.50 -3.40
N LYS A 179 3.17 20.64 -2.70
CA LYS A 179 4.17 19.77 -3.33
C LYS A 179 3.54 19.12 -4.53
N HIS A 180 4.15 19.32 -5.70
CA HIS A 180 3.66 18.77 -6.97
C HIS A 180 3.04 17.41 -6.70
N PRO A 181 1.74 17.29 -6.98
CA PRO A 181 0.97 16.13 -6.55
C PRO A 181 1.27 14.93 -7.41
N GLN A 182 0.78 13.76 -7.01
CA GLN A 182 1.01 12.54 -7.76
C GLN A 182 -0.01 11.47 -7.38
N PRO A 183 -0.84 11.09 -8.36
CA PRO A 183 -2.01 10.23 -8.36
C PRO A 183 -2.20 9.24 -7.21
N PHE A 184 -1.20 8.47 -6.82
CA PHE A 184 -1.42 7.54 -5.72
C PHE A 184 -0.51 7.79 -4.52
N LEU A 185 0.58 8.52 -4.75
CA LEU A 185 1.61 8.66 -3.73
C LEU A 185 1.59 10.00 -3.03
N ARG A 186 1.13 11.03 -3.73
CA ARG A 186 1.11 12.36 -3.17
C ARG A 186 -0.18 13.06 -3.55
N THR A 187 -1.27 12.71 -2.86
CA THR A 187 -2.58 13.24 -3.19
C THR A 187 -3.19 13.99 -2.01
N ARG A 188 -4.12 14.89 -2.30
CA ARG A 188 -4.74 15.70 -1.27
C ARG A 188 -5.88 14.98 -0.55
N GLU A 189 -6.81 14.41 -1.31
CA GLU A 189 -7.81 13.53 -0.71
C GLU A 189 -7.45 12.10 -1.05
N PHE A 190 -7.53 11.22 -0.06
CA PHE A 190 -7.31 9.81 -0.33
C PHE A 190 -8.15 8.92 0.56
N LEU A 191 -8.23 7.65 0.18
CA LEU A 191 -8.95 6.67 0.97
C LEU A 191 -7.97 5.89 1.81
N TRP A 192 -8.38 5.51 3.00
CA TRP A 192 -7.55 4.67 3.83
C TRP A 192 -8.38 3.86 4.80
N GLN A 193 -7.68 3.24 5.73
CA GLN A 193 -8.29 2.55 6.83
C GLN A 193 -7.53 3.02 8.05
N GLU A 194 -8.22 3.22 9.16
CA GLU A 194 -7.52 3.59 10.37
C GLU A 194 -8.11 2.88 11.56
N GLY A 195 -7.31 2.04 12.20
CA GLY A 195 -7.75 1.33 13.37
C GLY A 195 -7.26 2.00 14.64
N HIS A 196 -8.13 2.06 15.64
CA HIS A 196 -7.75 2.63 16.93
C HIS A 196 -8.21 1.74 18.06
N SER A 197 -7.28 1.02 18.67
CA SER A 197 -7.62 0.14 19.79
C SER A 197 -7.14 0.67 21.13
N ALA A 198 -7.72 0.15 22.21
CA ALA A 198 -7.48 0.70 23.55
C ALA A 198 -7.65 -0.35 24.64
N PHE A 199 -6.56 -0.68 25.31
CA PHE A 199 -6.54 -1.82 26.23
C PHE A 199 -6.29 -1.40 27.67
N ALA A 200 -6.53 -2.32 28.60
CA ALA A 200 -6.21 -2.08 29.99
C ALA A 200 -4.73 -2.22 30.19
N THR A 201 -4.17 -3.30 29.67
CA THR A 201 -2.77 -3.61 29.88
C THR A 201 -1.97 -3.36 28.63
N MET A 202 -0.65 -3.46 28.76
CA MET A 202 0.27 -3.14 27.68
C MET A 202 0.72 -4.39 26.93
N GLU A 203 0.72 -5.53 27.62
CA GLU A 203 1.05 -6.79 26.96
C GLU A 203 0.06 -7.01 25.83
N GLU A 204 -1.18 -6.60 26.07
CA GLU A 204 -2.22 -6.64 25.06
C GLU A 204 -1.85 -5.76 23.88
N ALA A 205 -1.88 -4.45 24.11
CA ALA A 205 -1.57 -3.46 23.08
C ALA A 205 -0.36 -3.83 22.25
N ALA A 206 0.68 -4.30 22.92
CA ALA A 206 1.93 -4.66 22.27
C ALA A 206 1.75 -5.75 21.24
N GLU A 207 0.95 -6.75 21.58
CA GLU A 207 0.78 -7.91 20.72
C GLU A 207 0.08 -7.56 19.43
N GLU A 208 -0.93 -6.69 19.54
CA GLU A 208 -1.73 -6.28 18.40
C GLU A 208 -0.89 -5.53 17.38
N VAL A 209 -0.05 -4.61 17.87
CA VAL A 209 0.77 -3.76 17.01
C VAL A 209 1.56 -4.61 16.03
N LEU A 210 2.10 -5.71 16.51
CA LEU A 210 2.89 -6.59 15.68
C LEU A 210 2.00 -7.48 14.82
N GLN A 211 0.84 -7.86 15.35
CA GLN A 211 -0.13 -8.64 14.60
C GLN A 211 -0.57 -7.87 13.36
N ILE A 212 -0.89 -6.60 13.56
CA ILE A 212 -1.37 -5.76 12.48
C ILE A 212 -0.30 -5.53 11.43
N LEU A 213 0.94 -5.34 11.85
CA LEU A 213 2.02 -5.07 10.92
C LEU A 213 2.28 -6.27 10.03
N ASP A 214 2.03 -7.47 10.56
CA ASP A 214 2.14 -8.68 9.77
C ASP A 214 1.06 -8.72 8.70
N LEU A 215 -0.14 -8.26 9.05
CA LEU A 215 -1.22 -8.16 8.09
C LEU A 215 -0.82 -7.22 6.98
N TYR A 216 -0.31 -6.05 7.35
CA TYR A 216 0.13 -5.06 6.39
C TYR A 216 1.21 -5.65 5.50
N ALA A 217 2.00 -6.56 6.06
CA ALA A 217 2.99 -7.27 5.28
C ALA A 217 2.31 -8.20 4.29
N GLN A 218 1.33 -8.95 4.78
CA GLN A 218 0.60 -9.90 3.95
C GLN A 218 -0.04 -9.20 2.75
N VAL A 219 -0.62 -8.02 2.98
CA VAL A 219 -1.17 -7.24 1.88
C VAL A 219 -0.12 -6.98 0.80
N TYR A 220 1.08 -6.58 1.20
CA TYR A 220 2.15 -6.32 0.24
C TYR A 220 2.81 -7.60 -0.30
N GLU A 221 3.06 -8.58 0.56
CA GLU A 221 3.80 -9.78 0.14
C GLU A 221 2.94 -10.88 -0.47
N GLU A 222 1.69 -11.00 -0.01
CA GLU A 222 0.84 -12.10 -0.46
C GLU A 222 -0.15 -11.71 -1.55
N LEU A 223 -0.64 -10.48 -1.52
CA LEU A 223 -1.53 -10.02 -2.57
C LEU A 223 -0.74 -9.27 -3.62
N LEU A 224 -0.11 -8.18 -3.20
CA LEU A 224 0.52 -7.26 -4.14
C LEU A 224 1.85 -7.76 -4.65
N ALA A 225 2.33 -8.85 -4.05
CA ALA A 225 3.60 -9.45 -4.45
C ALA A 225 4.72 -8.43 -4.43
N ILE A 226 4.80 -7.68 -3.33
CA ILE A 226 5.82 -6.67 -3.12
C ILE A 226 6.55 -6.96 -1.82
N PRO A 227 7.84 -7.26 -1.90
CA PRO A 227 8.51 -7.58 -0.64
C PRO A 227 8.79 -6.31 0.14
N VAL A 228 8.68 -6.41 1.47
CA VAL A 228 8.86 -5.25 2.32
C VAL A 228 9.82 -5.55 3.46
N VAL A 229 10.30 -4.49 4.09
CA VAL A 229 11.17 -4.63 5.25
C VAL A 229 10.44 -4.20 6.53
N LYS A 230 10.37 -5.11 7.49
CA LYS A 230 9.73 -4.83 8.77
C LYS A 230 10.72 -4.29 9.79
N GLY A 231 10.31 -3.29 10.55
CA GLY A 231 11.17 -2.73 11.57
C GLY A 231 10.59 -1.54 12.31
N ARG A 232 11.40 -0.92 13.15
CA ARG A 232 10.96 0.15 14.02
C ARG A 232 11.48 1.50 13.56
N LYS A 233 10.62 2.51 13.57
CA LYS A 233 11.06 3.86 13.21
C LYS A 233 12.10 4.36 14.20
N THR A 234 12.91 5.30 13.76
CA THR A 234 13.89 5.91 14.65
C THR A 234 13.18 6.98 15.45
N GLU A 235 13.79 7.37 16.57
CA GLU A 235 13.17 8.35 17.46
C GLU A 235 13.00 9.70 16.78
N LYS A 236 13.73 9.91 15.69
CA LYS A 236 13.50 11.08 14.86
C LYS A 236 12.19 10.91 14.12
N GLU A 237 12.01 9.73 13.53
CA GLU A 237 10.94 9.50 12.55
C GLU A 237 9.62 8.98 13.11
N LYS A 238 9.67 8.34 14.27
CA LYS A 238 8.48 7.72 14.83
C LYS A 238 7.33 8.71 14.93
N PHE A 239 6.11 8.20 14.99
CA PHE A 239 4.98 9.07 15.21
C PHE A 239 5.33 9.81 16.47
N ALA A 240 5.20 11.12 16.45
CA ALA A 240 5.31 11.87 17.68
C ALA A 240 4.12 11.45 18.52
N GLY A 241 4.06 11.91 19.75
CA GLY A 241 2.94 11.58 20.62
C GLY A 241 2.56 10.10 20.61
N GLY A 242 3.57 9.24 20.64
CA GLY A 242 3.32 7.81 20.64
C GLY A 242 4.61 7.05 20.88
N ASP A 243 4.60 6.19 21.90
CA ASP A 243 5.79 5.48 22.37
C ASP A 243 6.71 4.88 21.32
N TYR A 244 6.17 4.03 20.45
CA TYR A 244 6.98 3.58 19.32
C TYR A 244 6.19 3.38 18.03
N THR A 245 6.88 2.98 16.98
CA THR A 245 6.26 2.95 15.66
C THR A 245 6.91 1.92 14.75
N THR A 246 6.19 0.83 14.53
CA THR A 246 6.63 -0.21 13.62
C THR A 246 6.18 0.15 12.21
N THR A 247 6.96 -0.26 11.21
CA THR A 247 6.63 0.11 9.86
C THR A 247 7.02 -0.92 8.82
N ILE A 248 6.48 -0.69 7.62
CA ILE A 248 6.70 -1.59 6.52
C ILE A 248 7.22 -0.77 5.34
N GLU A 249 8.43 -1.09 4.90
CA GLU A 249 9.09 -0.28 3.90
C GLU A 249 9.38 -1.12 2.66
N ALA A 250 9.08 -0.54 1.51
CA ALA A 250 9.25 -1.25 0.25
C ALA A 250 10.11 -0.41 -0.66
N PHE A 251 10.74 -1.08 -1.61
CA PHE A 251 11.68 -0.41 -2.47
C PHE A 251 11.16 -0.33 -3.89
N ILE A 252 11.25 0.86 -4.45
CA ILE A 252 10.87 1.08 -5.83
C ILE A 252 12.15 1.28 -6.59
N SER A 253 12.70 0.19 -7.13
CA SER A 253 14.03 0.24 -7.72
C SER A 253 14.11 1.33 -8.76
N ALA A 254 13.12 1.32 -9.65
CA ALA A 254 13.04 2.25 -10.78
C ALA A 254 13.53 3.67 -10.50
N SER A 255 13.61 4.03 -9.23
CA SER A 255 13.96 5.38 -8.86
C SER A 255 15.04 5.36 -7.82
N GLY A 256 15.26 4.20 -7.21
CA GLY A 256 16.30 4.05 -6.22
C GLY A 256 15.87 4.58 -4.87
N ARG A 257 14.59 4.93 -4.76
CA ARG A 257 14.04 5.35 -3.47
C ARG A 257 13.24 4.22 -2.87
N ALA A 258 12.90 4.36 -1.61
CA ALA A 258 12.05 3.38 -0.97
C ALA A 258 10.80 4.09 -0.53
N ILE A 259 9.79 3.34 -0.15
CA ILE A 259 8.52 3.95 0.21
C ILE A 259 7.86 3.26 1.40
N GLN A 260 7.13 4.04 2.19
CA GLN A 260 6.45 3.54 3.36
C GLN A 260 5.14 2.86 2.99
N GLY A 261 4.97 1.62 3.43
CA GLY A 261 3.80 0.85 3.09
C GLY A 261 2.61 1.10 3.98
N GLY A 262 2.76 0.75 5.26
CA GLY A 262 1.73 1.02 6.24
C GLY A 262 2.40 1.12 7.58
N THR A 263 1.73 1.71 8.56
CA THR A 263 2.34 1.86 9.88
C THR A 263 1.46 1.34 11.02
N SER A 264 2.10 0.90 12.09
CA SER A 264 1.37 0.42 13.26
C SER A 264 2.01 0.97 14.53
N HIS A 265 1.26 1.80 15.25
CA HIS A 265 1.81 2.51 16.38
C HIS A 265 1.31 2.01 17.72
N HIS A 266 2.21 1.96 18.69
CA HIS A 266 1.80 1.83 20.07
C HIS A 266 1.85 3.21 20.67
N LEU A 267 0.80 3.57 21.38
CA LEU A 267 0.67 4.93 21.86
C LEU A 267 0.86 4.98 23.35
N GLY A 268 0.86 3.81 23.98
CA GLY A 268 0.90 3.74 25.42
C GLY A 268 -0.20 4.59 26.01
N GLN A 269 0.19 5.47 26.92
CA GLN A 269 -0.80 6.21 27.71
C GLN A 269 -0.96 7.67 27.33
N ASN A 270 -0.21 8.12 26.34
CA ASN A 270 -0.21 9.53 25.94
C ASN A 270 -1.58 10.10 25.66
N PHE A 271 -2.41 9.36 24.94
CA PHE A 271 -3.68 9.92 24.51
C PHE A 271 -4.75 9.75 25.56
N SER A 272 -4.65 8.70 26.35
CA SER A 272 -5.58 8.46 27.42
C SER A 272 -5.46 9.58 28.41
N LYS A 273 -4.23 9.91 28.76
CA LYS A 273 -3.96 11.05 29.62
C LYS A 273 -4.55 12.31 28.99
N MET A 274 -4.23 12.53 27.73
CA MET A 274 -4.75 13.66 26.99
C MET A 274 -6.26 13.75 27.04
N PHE A 275 -6.92 12.61 26.81
CA PHE A 275 -8.37 12.61 26.65
C PHE A 275 -9.11 11.98 27.82
N GLU A 276 -8.37 11.72 28.90
CA GLU A 276 -8.92 11.10 30.12
C GLU A 276 -9.71 9.82 29.84
N ILE A 277 -9.09 8.87 29.16
CA ILE A 277 -9.67 7.56 28.96
C ILE A 277 -9.21 6.70 30.12
N VAL A 278 -10.01 6.66 31.18
CA VAL A 278 -9.56 6.09 32.44
C VAL A 278 -10.56 5.13 33.07
N PHE A 279 -10.02 4.20 33.86
CA PHE A 279 -10.83 3.18 34.50
C PHE A 279 -10.29 2.85 35.89
N GLU A 280 -11.19 2.55 36.82
CA GLU A 280 -10.78 2.09 38.14
C GLU A 280 -10.12 0.73 38.00
N ASP A 281 -8.99 0.58 38.69
CA ASP A 281 -8.07 -0.53 38.46
C ASP A 281 -8.64 -1.90 38.85
N PRO A 282 -7.94 -2.97 38.47
CA PRO A 282 -8.45 -4.25 38.96
C PRO A 282 -7.73 -4.56 40.25
N LYS A 283 -8.47 -4.84 41.32
CA LYS A 283 -7.84 -5.15 42.61
C LYS A 283 -6.65 -4.25 42.99
N ILE A 284 -6.69 -3.02 42.50
CA ILE A 284 -5.85 -1.95 43.02
C ILE A 284 -6.85 -0.81 43.24
N PRO A 285 -7.73 -1.01 44.24
CA PRO A 285 -8.96 -0.21 44.38
C PRO A 285 -8.69 1.28 44.56
N GLY A 286 -9.70 2.09 44.28
CA GLY A 286 -9.61 3.53 44.46
C GLY A 286 -8.53 4.20 43.64
N GLU A 287 -7.89 3.44 42.75
CA GLU A 287 -6.81 3.99 41.94
C GLU A 287 -7.20 4.21 40.48
N LYS A 288 -6.50 5.13 39.83
CA LYS A 288 -6.85 5.58 38.50
C LYS A 288 -5.84 5.07 37.48
N GLN A 289 -6.28 4.17 36.60
CA GLN A 289 -5.41 3.65 35.57
C GLN A 289 -5.70 4.23 34.21
N PHE A 290 -4.66 4.62 33.50
CA PHE A 290 -4.78 5.04 32.12
C PHE A 290 -4.71 3.84 31.20
N ALA A 291 -5.44 3.90 30.10
CA ALA A 291 -5.51 2.78 29.15
C ALA A 291 -4.37 2.85 28.16
N TYR A 292 -3.98 1.69 27.66
CA TYR A 292 -2.94 1.64 26.65
C TYR A 292 -3.57 1.59 25.27
N GLN A 293 -3.03 2.37 24.34
CA GLN A 293 -3.67 2.49 23.04
C GLN A 293 -2.75 2.15 21.88
N ASN A 294 -3.38 1.80 20.77
CA ASN A 294 -2.70 1.60 19.50
C ASN A 294 -3.39 2.38 18.42
N SER A 295 -2.75 2.43 17.25
CA SER A 295 -3.39 2.93 16.05
C SER A 295 -2.54 2.53 14.86
N TRP A 296 -3.21 2.22 13.75
CA TRP A 296 -2.54 1.69 12.57
C TRP A 296 -3.31 2.04 11.31
N GLY A 297 -2.60 2.38 10.25
CA GLY A 297 -3.24 2.77 9.00
C GLY A 297 -2.56 2.21 7.76
N LEU A 298 -3.33 2.11 6.69
CA LEU A 298 -2.83 1.70 5.39
C LEU A 298 -3.64 2.47 4.37
N THR A 299 -2.98 2.95 3.32
CA THR A 299 -3.65 3.84 2.38
C THR A 299 -3.60 3.36 0.93
N THR A 300 -4.21 4.14 0.05
CA THR A 300 -4.31 3.80 -1.35
C THR A 300 -2.99 3.95 -2.09
N ARG A 301 -1.93 4.29 -1.38
CA ARG A 301 -0.61 4.36 -2.01
C ARG A 301 -0.17 2.98 -2.44
N THR A 302 -0.75 1.97 -1.80
CA THR A 302 -0.52 0.57 -2.15
C THR A 302 -0.61 0.36 -3.64
N ILE A 303 -1.64 0.94 -4.24
CA ILE A 303 -1.89 0.77 -5.66
C ILE A 303 -0.79 1.45 -6.47
N GLY A 304 -0.31 2.60 -5.97
CA GLY A 304 0.81 3.28 -6.58
C GLY A 304 2.09 2.46 -6.51
N VAL A 305 2.39 1.93 -5.33
CA VAL A 305 3.56 1.09 -5.16
C VAL A 305 3.46 -0.13 -6.08
N MET A 306 2.28 -0.74 -6.12
CA MET A 306 2.03 -1.90 -6.97
C MET A 306 2.31 -1.60 -8.43
N THR A 307 1.93 -0.39 -8.84
CA THR A 307 2.16 0.08 -10.20
C THR A 307 3.65 0.23 -10.44
N MET A 308 4.27 1.08 -9.63
CA MET A 308 5.69 1.38 -9.70
C MET A 308 6.60 0.17 -9.73
N VAL A 309 6.20 -0.89 -9.04
CA VAL A 309 7.05 -2.04 -8.87
C VAL A 309 6.95 -3.04 -10.02
N HIS A 310 5.72 -3.34 -10.42
CA HIS A 310 5.47 -4.40 -11.39
C HIS A 310 5.29 -3.97 -12.83
N GLY A 311 5.31 -2.66 -13.11
CA GLY A 311 5.00 -2.17 -14.44
C GLY A 311 6.02 -2.46 -15.54
N ASP A 312 5.54 -2.42 -16.78
CA ASP A 312 6.39 -2.56 -17.97
C ASP A 312 6.43 -1.25 -18.70
N ASN A 313 7.02 -1.28 -19.90
CA ASN A 313 6.80 -0.21 -20.86
C ASN A 313 5.68 -0.67 -21.76
N MET A 314 5.23 -1.91 -21.50
CA MET A 314 4.07 -2.49 -22.15
C MET A 314 2.83 -2.15 -21.35
N GLY A 315 3.05 -1.62 -20.15
CA GLY A 315 1.94 -1.14 -19.34
C GLY A 315 1.87 -1.69 -17.94
N LEU A 316 0.73 -1.47 -17.31
CA LEU A 316 0.52 -1.94 -15.95
C LEU A 316 0.57 -3.45 -15.92
N VAL A 317 0.97 -4.01 -14.79
CA VAL A 317 0.92 -5.44 -14.57
C VAL A 317 0.30 -5.66 -13.21
N LEU A 318 -0.66 -6.56 -13.15
CA LEU A 318 -1.38 -6.83 -11.92
C LEU A 318 -1.04 -8.20 -11.39
N PRO A 319 -0.96 -8.32 -10.07
CA PRO A 319 -0.82 -9.64 -9.47
C PRO A 319 -2.20 -10.29 -9.46
N PRO A 320 -2.27 -11.56 -9.86
CA PRO A 320 -3.51 -12.34 -9.94
C PRO A 320 -4.41 -12.18 -8.72
N ARG A 321 -3.82 -11.91 -7.56
CA ARG A 321 -4.60 -11.85 -6.34
C ARG A 321 -5.51 -10.62 -6.25
N VAL A 322 -5.25 -9.59 -7.03
CA VAL A 322 -6.03 -8.35 -6.90
C VAL A 322 -6.73 -7.85 -8.16
N ALA A 323 -6.45 -8.47 -9.30
CA ALA A 323 -7.01 -8.01 -10.56
C ALA A 323 -8.52 -8.18 -10.62
N CYS A 324 -9.20 -7.15 -11.14
CA CYS A 324 -10.62 -7.23 -11.39
C CYS A 324 -10.83 -8.42 -12.29
N VAL A 325 -9.95 -8.56 -13.29
CA VAL A 325 -10.04 -9.63 -14.25
C VAL A 325 -8.77 -10.45 -14.28
N GLN A 326 -8.81 -11.66 -13.73
CA GLN A 326 -7.66 -12.55 -13.77
C GLN A 326 -7.39 -13.04 -15.19
N VAL A 327 -8.44 -13.41 -15.91
CA VAL A 327 -8.31 -13.90 -17.28
C VAL A 327 -9.25 -13.22 -18.24
N VAL A 328 -8.73 -12.76 -19.37
CA VAL A 328 -9.61 -12.23 -20.42
C VAL A 328 -9.71 -13.25 -21.55
N ILE A 329 -10.93 -13.53 -21.98
CA ILE A 329 -11.12 -14.43 -23.11
C ILE A 329 -11.41 -13.63 -24.37
N ILE A 330 -10.49 -13.67 -25.31
CA ILE A 330 -10.63 -12.97 -26.58
C ILE A 330 -10.75 -13.95 -27.73
N PRO A 331 -11.78 -13.78 -28.56
CA PRO A 331 -11.86 -14.60 -29.78
C PRO A 331 -11.06 -13.97 -30.89
N CYS A 332 -10.17 -14.75 -31.49
CA CYS A 332 -9.33 -14.25 -32.56
C CYS A 332 -9.39 -15.17 -33.77
N GLY A 333 -8.88 -14.69 -34.89
CA GLY A 333 -8.92 -15.48 -36.12
C GLY A 333 -10.26 -15.34 -36.82
N ILE A 334 -10.84 -14.15 -36.72
CA ILE A 334 -12.09 -13.85 -37.40
C ILE A 334 -11.77 -13.11 -38.70
N THR A 335 -12.45 -13.48 -39.79
CA THR A 335 -12.26 -12.82 -41.07
C THR A 335 -13.59 -12.33 -41.64
N ASN A 336 -13.51 -11.51 -42.69
CA ASN A 336 -14.72 -10.95 -43.31
C ASN A 336 -15.67 -12.04 -43.79
N ALA A 337 -15.12 -13.07 -44.43
CA ALA A 337 -15.93 -14.17 -44.93
C ALA A 337 -15.69 -15.43 -44.12
N LEU A 338 -16.02 -15.37 -42.83
CA LEU A 338 -15.99 -16.52 -41.96
C LEU A 338 -17.43 -16.94 -41.78
N SER A 339 -17.71 -18.23 -41.98
CA SER A 339 -19.08 -18.74 -41.92
C SER A 339 -19.84 -18.19 -40.72
N GLU A 340 -21.10 -17.85 -40.92
CA GLU A 340 -21.88 -17.22 -39.86
C GLU A 340 -22.23 -18.23 -38.77
N GLU A 341 -22.26 -19.51 -39.13
CA GLU A 341 -22.51 -20.57 -38.16
C GLU A 341 -21.21 -20.95 -37.43
N ASP A 342 -20.09 -20.53 -38.00
CA ASP A 342 -18.80 -20.71 -37.34
C ASP A 342 -18.55 -19.56 -36.36
N LYS A 343 -19.00 -18.36 -36.74
CA LYS A 343 -18.82 -17.17 -35.91
C LYS A 343 -19.65 -17.24 -34.62
N GLU A 344 -20.54 -18.23 -34.53
CA GLU A 344 -21.33 -18.42 -33.33
C GLU A 344 -20.97 -19.71 -32.62
N ALA A 345 -20.04 -20.46 -33.20
CA ALA A 345 -19.43 -21.59 -32.52
C ALA A 345 -18.30 -21.04 -31.69
N LEU A 346 -17.61 -20.06 -32.27
CA LEU A 346 -16.52 -19.37 -31.61
C LEU A 346 -17.06 -18.64 -30.40
N ILE A 347 -17.98 -17.71 -30.66
CA ILE A 347 -18.54 -16.85 -29.62
C ILE A 347 -19.27 -17.68 -28.56
N ALA A 348 -19.47 -18.96 -28.84
CA ALA A 348 -20.07 -19.86 -27.86
C ALA A 348 -19.03 -20.69 -27.13
N LYS A 349 -17.98 -21.08 -27.85
CA LYS A 349 -16.87 -21.81 -27.24
C LYS A 349 -16.27 -20.94 -26.15
N CYS A 350 -16.15 -19.65 -26.45
CA CYS A 350 -15.66 -18.68 -25.49
C CYS A 350 -16.45 -18.75 -24.18
N ASN A 351 -17.78 -18.74 -24.25
CA ASN A 351 -18.59 -18.79 -23.04
C ASN A 351 -18.46 -20.08 -22.24
N ASP A 352 -18.06 -21.17 -22.90
CA ASP A 352 -17.84 -22.45 -22.20
C ASP A 352 -16.65 -22.33 -21.28
N TYR A 353 -15.64 -21.61 -21.76
CA TYR A 353 -14.48 -21.32 -20.93
C TYR A 353 -14.89 -20.37 -19.84
N ARG A 354 -15.56 -19.29 -20.22
CA ARG A 354 -16.08 -18.33 -19.27
C ARG A 354 -16.86 -19.04 -18.17
N ARG A 355 -17.81 -19.87 -18.56
CA ARG A 355 -18.66 -20.57 -17.62
C ARG A 355 -17.86 -21.49 -16.71
N ARG A 356 -16.92 -22.22 -17.30
CA ARG A 356 -16.14 -23.21 -16.55
C ARG A 356 -15.17 -22.57 -15.57
N LEU A 357 -14.62 -21.43 -15.96
CA LEU A 357 -13.65 -20.71 -15.13
C LEU A 357 -14.32 -20.01 -13.97
N LEU A 358 -15.46 -19.38 -14.26
CA LEU A 358 -16.24 -18.72 -13.22
C LEU A 358 -16.59 -19.71 -12.12
N SER A 359 -16.72 -20.97 -12.48
CA SER A 359 -17.11 -22.01 -11.54
C SER A 359 -15.96 -22.52 -10.70
N VAL A 360 -14.75 -22.03 -10.97
CA VAL A 360 -13.62 -22.32 -10.07
C VAL A 360 -13.05 -21.02 -9.52
N ASN A 361 -13.91 -20.00 -9.46
CA ASN A 361 -13.59 -18.71 -8.90
C ASN A 361 -12.37 -18.06 -9.51
N ILE A 362 -12.26 -18.18 -10.82
CA ILE A 362 -11.32 -17.36 -11.56
C ILE A 362 -12.13 -16.21 -12.09
N ARG A 363 -11.61 -14.99 -11.92
CA ARG A 363 -12.35 -13.81 -12.33
C ARG A 363 -12.10 -13.54 -13.80
N VAL A 364 -13.06 -13.92 -14.62
CA VAL A 364 -12.89 -13.95 -16.07
C VAL A 364 -13.89 -13.09 -16.82
N ARG A 365 -13.39 -12.32 -17.78
CA ARG A 365 -14.25 -11.63 -18.74
C ARG A 365 -14.00 -12.23 -20.10
N ALA A 366 -15.07 -12.39 -20.86
CA ALA A 366 -14.92 -12.70 -22.27
C ALA A 366 -15.29 -11.46 -23.05
N ASP A 367 -14.31 -10.94 -23.80
CA ASP A 367 -14.50 -9.71 -24.56
C ASP A 367 -15.04 -10.07 -25.93
N LEU A 368 -16.35 -10.01 -26.08
CA LEU A 368 -16.98 -10.45 -27.31
C LEU A 368 -17.39 -9.29 -28.20
N ARG A 369 -16.75 -8.15 -28.00
CA ARG A 369 -17.10 -6.92 -28.70
C ARG A 369 -16.82 -6.98 -30.21
N ASP A 370 -17.84 -6.63 -30.99
CA ASP A 370 -17.82 -6.79 -32.44
C ASP A 370 -16.97 -5.78 -33.21
N ASN A 371 -16.64 -4.66 -32.56
CA ASN A 371 -16.14 -3.49 -33.28
C ASN A 371 -14.64 -3.28 -33.18
N TYR A 372 -14.06 -3.77 -32.10
CA TYR A 372 -12.62 -3.70 -31.93
C TYR A 372 -11.97 -4.91 -32.55
N SER A 373 -10.73 -4.76 -33.02
CA SER A 373 -10.00 -5.85 -33.61
C SER A 373 -9.66 -6.85 -32.52
N PRO A 374 -9.22 -8.05 -32.90
CA PRO A 374 -8.60 -8.88 -31.86
C PRO A 374 -7.32 -8.22 -31.38
N GLY A 375 -6.47 -7.82 -32.33
CA GLY A 375 -5.20 -7.22 -32.00
C GLY A 375 -5.33 -5.95 -31.18
N TRP A 376 -6.45 -5.27 -31.30
CA TRP A 376 -6.70 -4.09 -30.49
C TRP A 376 -6.94 -4.52 -29.07
N LYS A 377 -7.74 -5.58 -28.93
CA LYS A 377 -8.06 -6.09 -27.61
C LYS A 377 -6.82 -6.58 -26.89
N PHE A 378 -5.99 -7.34 -27.59
CA PHE A 378 -4.73 -7.84 -27.04
C PHE A 378 -3.98 -6.72 -26.33
N ASN A 379 -3.93 -5.57 -26.99
CA ASN A 379 -3.21 -4.41 -26.49
C ASN A 379 -3.94 -3.72 -25.35
N HIS A 380 -5.25 -3.54 -25.50
CA HIS A 380 -6.05 -2.92 -24.46
C HIS A 380 -5.85 -3.64 -23.13
N TRP A 381 -6.10 -4.94 -23.11
CA TRP A 381 -5.99 -5.70 -21.86
C TRP A 381 -4.54 -5.88 -21.40
N GLU A 382 -3.57 -5.53 -22.25
CA GLU A 382 -2.18 -5.57 -21.86
C GLU A 382 -1.80 -4.31 -21.09
N LEU A 383 -2.39 -3.18 -21.48
CA LEU A 383 -2.16 -1.94 -20.76
C LEU A 383 -2.73 -2.08 -19.36
N LYS A 384 -3.89 -2.71 -19.30
CA LYS A 384 -4.60 -2.88 -18.03
C LYS A 384 -3.91 -3.93 -17.17
N GLY A 385 -3.09 -4.77 -17.80
CA GLY A 385 -2.31 -5.74 -17.06
C GLY A 385 -3.03 -6.99 -16.61
N VAL A 386 -4.11 -7.35 -17.30
CA VAL A 386 -4.77 -8.63 -17.06
C VAL A 386 -3.72 -9.72 -17.19
N PRO A 387 -3.62 -10.57 -16.16
CA PRO A 387 -2.61 -11.62 -16.07
C PRO A 387 -2.57 -12.56 -17.26
N ILE A 388 -3.71 -13.14 -17.63
CA ILE A 388 -3.73 -14.09 -18.74
C ILE A 388 -4.74 -13.70 -19.80
N ARG A 389 -4.31 -13.83 -21.04
CA ARG A 389 -5.14 -13.65 -22.21
C ARG A 389 -5.47 -15.03 -22.71
N LEU A 390 -6.75 -15.38 -22.72
CA LEU A 390 -7.17 -16.67 -23.23
C LEU A 390 -7.59 -16.50 -24.69
N GLU A 391 -6.76 -16.98 -25.60
CA GLU A 391 -6.97 -16.80 -27.04
C GLU A 391 -7.70 -17.96 -27.68
N VAL A 392 -8.86 -17.67 -28.27
CA VAL A 392 -9.63 -18.72 -28.92
C VAL A 392 -9.75 -18.50 -30.43
N GLY A 393 -9.10 -19.39 -31.18
CA GLY A 393 -9.21 -19.36 -32.63
C GLY A 393 -9.83 -20.66 -33.13
N PRO A 394 -10.45 -20.61 -34.31
CA PRO A 394 -11.06 -21.81 -34.91
C PRO A 394 -10.02 -22.85 -35.27
N ARG A 395 -8.82 -22.41 -35.68
CA ARG A 395 -7.72 -23.32 -35.91
C ARG A 395 -7.51 -24.20 -34.68
N ASP A 396 -7.63 -23.59 -33.50
CA ASP A 396 -7.49 -24.34 -32.26
C ASP A 396 -8.77 -25.09 -31.91
N MET A 397 -9.92 -24.48 -32.19
CA MET A 397 -11.20 -25.15 -31.98
C MET A 397 -11.23 -26.48 -32.70
N LYS A 398 -10.68 -26.49 -33.91
CA LYS A 398 -10.54 -27.70 -34.71
C LYS A 398 -9.82 -28.77 -33.91
N SER A 399 -8.78 -28.35 -33.21
CA SER A 399 -7.94 -29.28 -32.45
C SER A 399 -8.45 -29.45 -31.04
N CYS A 400 -9.70 -29.04 -30.82
CA CYS A 400 -10.32 -29.08 -29.51
C CYS A 400 -9.34 -28.57 -28.43
N GLN A 401 -8.78 -27.36 -28.65
CA GLN A 401 -7.75 -26.78 -27.77
C GLN A 401 -7.74 -25.23 -27.74
N PHE A 402 -6.78 -24.62 -27.05
CA PHE A 402 -6.66 -23.15 -26.98
C PHE A 402 -5.30 -22.63 -26.49
N VAL A 403 -5.10 -21.31 -26.55
CA VAL A 403 -3.81 -20.70 -26.21
C VAL A 403 -3.88 -19.64 -25.12
N ALA A 404 -2.93 -19.68 -24.18
CA ALA A 404 -2.90 -18.74 -23.07
C ALA A 404 -1.62 -17.93 -23.02
N VAL A 405 -1.75 -16.61 -22.89
CA VAL A 405 -0.59 -15.74 -22.86
C VAL A 405 -0.41 -15.04 -21.50
N ARG A 406 0.72 -15.34 -20.85
CA ARG A 406 1.14 -14.71 -19.60
C ARG A 406 1.46 -13.25 -19.82
N ARG A 407 0.94 -12.36 -18.98
CA ARG A 407 1.21 -10.94 -19.13
C ARG A 407 2.64 -10.58 -18.70
N ASP A 408 3.12 -11.21 -17.65
CA ASP A 408 4.41 -10.84 -17.08
C ASP A 408 5.59 -11.20 -17.96
N THR A 409 5.59 -12.42 -18.48
CA THR A 409 6.71 -12.90 -19.28
C THR A 409 6.43 -12.80 -20.77
N GLY A 410 5.17 -12.89 -21.15
CA GLY A 410 4.80 -12.84 -22.55
C GLY A 410 4.67 -14.23 -23.14
N GLU A 411 4.95 -15.24 -22.32
CA GLU A 411 5.01 -16.62 -22.80
C GLU A 411 3.64 -17.18 -23.15
N LYS A 412 3.57 -17.79 -24.33
CA LYS A 412 2.34 -18.40 -24.80
C LYS A 412 2.34 -19.87 -24.46
N LEU A 413 1.16 -20.41 -24.16
CA LEU A 413 1.06 -21.84 -23.96
C LEU A 413 -0.20 -22.41 -24.57
N THR A 414 -0.08 -23.61 -25.12
CA THR A 414 -1.18 -24.25 -25.81
C THR A 414 -1.78 -25.33 -24.93
N VAL A 415 -3.07 -25.20 -24.65
CA VAL A 415 -3.71 -26.01 -23.61
C VAL A 415 -4.93 -26.76 -24.10
N ALA A 416 -5.09 -28.00 -23.66
CA ALA A 416 -6.27 -28.78 -23.99
C ALA A 416 -7.51 -28.20 -23.33
N GLU A 417 -8.65 -28.32 -24.01
CA GLU A 417 -9.90 -27.80 -23.52
C GLU A 417 -10.34 -28.50 -22.24
N ASN A 418 -9.91 -29.75 -22.07
CA ASN A 418 -10.27 -30.49 -20.87
C ASN A 418 -9.36 -30.15 -19.70
N GLU A 419 -8.47 -29.20 -19.90
CA GLU A 419 -7.52 -28.84 -18.84
C GLU A 419 -7.51 -27.36 -18.52
N ALA A 420 -8.51 -26.64 -19.03
CA ALA A 420 -8.55 -25.19 -18.87
C ALA A 420 -8.48 -24.75 -17.40
N GLU A 421 -9.20 -25.44 -16.53
CA GLU A 421 -9.20 -25.06 -15.12
C GLU A 421 -7.85 -25.27 -14.44
N THR A 422 -7.43 -26.52 -14.32
CA THR A 422 -6.19 -26.82 -13.62
C THR A 422 -5.01 -26.04 -14.17
N LYS A 423 -4.92 -25.95 -15.49
CA LYS A 423 -3.75 -25.34 -16.11
C LYS A 423 -3.74 -23.82 -15.93
N LEU A 424 -4.90 -23.18 -16.06
CA LEU A 424 -4.96 -21.74 -15.93
C LEU A 424 -4.80 -21.28 -14.48
N GLN A 425 -5.41 -22.00 -13.54
CA GLN A 425 -5.25 -21.71 -12.13
C GLN A 425 -3.77 -21.77 -11.79
N ALA A 426 -3.12 -22.82 -12.28
CA ALA A 426 -1.69 -22.97 -12.12
C ALA A 426 -0.87 -21.80 -12.66
N ILE A 427 -1.24 -21.30 -13.84
CA ILE A 427 -0.51 -20.19 -14.44
C ILE A 427 -0.72 -18.91 -13.63
N LEU A 428 -1.90 -18.78 -13.04
CA LEU A 428 -2.18 -17.62 -12.19
C LEU A 428 -1.31 -17.67 -10.95
N GLU A 429 -1.23 -18.84 -10.32
CA GLU A 429 -0.35 -19.01 -9.18
C GLU A 429 1.10 -18.76 -9.55
N ASP A 430 1.53 -19.28 -10.70
CA ASP A 430 2.93 -19.14 -11.09
C ASP A 430 3.31 -17.70 -11.43
N ILE A 431 2.34 -16.89 -11.83
CA ILE A 431 2.61 -15.49 -12.12
C ILE A 431 2.83 -14.72 -10.83
N GLN A 432 1.95 -14.94 -9.86
CA GLN A 432 2.05 -14.30 -8.56
C GLN A 432 3.45 -14.51 -8.02
N VAL A 433 3.87 -15.78 -7.97
CA VAL A 433 5.20 -16.14 -7.50
C VAL A 433 6.30 -15.38 -8.24
N THR A 434 6.26 -15.46 -9.57
CA THR A 434 7.24 -14.77 -10.41
C THR A 434 7.39 -13.31 -10.02
N LEU A 435 6.28 -12.57 -10.07
CA LEU A 435 6.29 -11.15 -9.74
C LEU A 435 6.87 -10.90 -8.37
N PHE A 436 6.60 -11.80 -7.44
CA PHE A 436 7.13 -11.66 -6.10
C PHE A 436 8.59 -12.06 -6.06
N THR A 437 8.92 -13.24 -6.61
CA THR A 437 10.32 -13.67 -6.63
C THR A 437 11.11 -12.98 -7.73
N ARG A 438 10.73 -11.75 -8.04
CA ARG A 438 11.47 -10.90 -8.96
C ARG A 438 11.85 -9.63 -8.23
N ALA A 439 10.83 -8.92 -7.76
CA ALA A 439 11.04 -7.68 -7.04
C ALA A 439 11.74 -7.94 -5.72
N SER A 440 11.76 -9.20 -5.31
CA SER A 440 12.47 -9.57 -4.10
C SER A 440 13.95 -9.78 -4.39
N GLU A 441 14.26 -10.37 -5.54
CA GLU A 441 15.65 -10.47 -5.96
C GLU A 441 16.12 -9.09 -6.37
N ASP A 442 15.16 -8.27 -6.78
CA ASP A 442 15.47 -6.90 -7.15
C ASP A 442 15.71 -6.08 -5.90
N LEU A 443 15.20 -6.56 -4.77
CA LEU A 443 15.40 -5.88 -3.51
C LEU A 443 16.74 -6.28 -2.91
N LYS A 444 17.11 -7.53 -3.10
CA LYS A 444 18.30 -8.05 -2.45
C LYS A 444 19.55 -7.46 -3.08
N THR A 445 19.51 -7.27 -4.39
CA THR A 445 20.57 -6.54 -5.06
C THR A 445 20.67 -5.15 -4.48
N HIS A 446 19.53 -4.49 -4.34
CA HIS A 446 19.52 -3.07 -4.01
C HIS A 446 19.42 -2.74 -2.53
N MET A 447 19.57 -3.74 -1.66
CA MET A 447 19.65 -3.44 -0.23
C MET A 447 20.87 -4.11 0.37
N VAL A 448 21.85 -3.30 0.75
CA VAL A 448 23.11 -3.83 1.26
C VAL A 448 23.64 -3.14 2.51
N VAL A 449 24.61 -3.76 3.16
CA VAL A 449 25.23 -3.22 4.36
C VAL A 449 26.40 -2.33 3.99
N ALA A 450 26.65 -1.30 4.79
CA ALA A 450 27.85 -0.51 4.63
C ALA A 450 28.29 0.00 5.99
N ASN A 451 29.55 -0.22 6.32
CA ASN A 451 30.04 0.08 7.66
C ASN A 451 30.78 1.41 7.81
N THR A 452 31.49 1.82 6.77
CA THR A 452 32.06 3.16 6.77
C THR A 452 30.95 4.12 6.36
N MET A 453 31.24 5.40 6.40
CA MET A 453 30.31 6.39 5.89
C MET A 453 30.64 6.59 4.42
N GLU A 454 31.87 6.25 4.06
CA GLU A 454 32.35 6.50 2.71
C GLU A 454 31.83 5.44 1.74
N ASP A 455 31.57 4.24 2.25
CA ASP A 455 30.87 3.23 1.46
C ASP A 455 29.44 3.67 1.29
N PHE A 456 28.86 4.15 2.38
CA PHE A 456 27.45 4.51 2.43
C PHE A 456 27.07 5.64 1.49
N GLN A 457 28.01 6.52 1.16
CA GLN A 457 27.69 7.60 0.23
C GLN A 457 27.86 7.10 -1.20
N LYS A 458 28.65 6.06 -1.39
CA LYS A 458 28.82 5.49 -2.71
C LYS A 458 27.63 4.61 -3.06
N ILE A 459 27.34 3.66 -2.19
CA ILE A 459 26.24 2.71 -2.41
C ILE A 459 24.86 3.39 -2.43
N LEU A 460 24.72 4.50 -1.71
CA LEU A 460 23.47 5.26 -1.73
C LEU A 460 23.31 5.94 -3.09
N ASP A 461 24.38 6.53 -3.58
CA ASP A 461 24.36 7.23 -4.86
C ASP A 461 24.32 6.22 -5.99
N SER A 462 24.58 4.97 -5.64
CA SER A 462 24.42 3.85 -6.55
C SER A 462 22.94 3.57 -6.76
N GLY A 463 22.11 4.45 -6.20
CA GLY A 463 20.66 4.36 -6.34
C GLY A 463 20.06 3.22 -5.55
N LYS A 464 20.65 2.92 -4.40
CA LYS A 464 20.19 1.80 -3.59
C LYS A 464 19.83 2.23 -2.18
N ILE A 465 19.62 1.25 -1.31
CA ILE A 465 19.38 1.54 0.10
C ILE A 465 20.22 0.66 1.02
N VAL A 466 20.59 1.21 2.18
CA VAL A 466 21.69 0.69 2.97
C VAL A 466 21.41 0.47 4.44
N GLN A 467 21.86 -0.66 4.95
CA GLN A 467 21.89 -0.90 6.39
C GLN A 467 23.25 -0.45 6.93
N ILE A 468 23.24 0.58 7.77
CA ILE A 468 24.48 1.09 8.37
C ILE A 468 24.48 0.85 9.87
N PRO A 469 25.67 0.89 10.50
CA PRO A 469 25.69 0.96 11.96
C PRO A 469 25.18 2.33 12.39
N PHE A 470 24.25 2.36 13.33
CA PHE A 470 23.70 3.64 13.74
C PHE A 470 23.53 3.75 15.26
N CYS A 471 23.85 4.91 15.79
CA CYS A 471 23.81 5.13 17.23
C CYS A 471 22.38 5.33 17.68
N GLY A 472 21.62 6.13 16.94
CA GLY A 472 20.24 6.37 17.31
C GLY A 472 19.97 7.83 17.59
N GLU A 473 21.00 8.57 17.98
CA GLU A 473 20.81 9.98 18.29
C GLU A 473 20.22 10.67 17.08
N ILE A 474 19.34 11.62 17.33
CA ILE A 474 18.71 12.37 16.26
C ILE A 474 19.78 13.06 15.42
N ASP A 475 20.81 13.56 16.10
CA ASP A 475 21.92 14.23 15.44
C ASP A 475 22.55 13.38 14.37
N CYS A 476 23.15 12.26 14.75
CA CYS A 476 23.82 11.44 13.74
C CYS A 476 22.88 10.86 12.71
N GLU A 477 21.63 11.29 12.76
CA GLU A 477 20.67 11.11 11.70
C GLU A 477 20.39 12.46 11.06
N ASP A 478 19.96 13.42 11.88
CA ASP A 478 19.71 14.79 11.42
C ASP A 478 20.91 15.29 10.63
N TRP A 479 22.09 14.90 11.09
CA TRP A 479 23.34 15.13 10.39
C TRP A 479 23.37 14.39 9.06
N ILE A 480 23.24 13.06 9.12
CA ILE A 480 23.35 12.18 7.95
C ILE A 480 22.62 12.70 6.71
N LYS A 481 21.45 13.30 6.91
CA LYS A 481 20.69 13.82 5.79
C LYS A 481 21.46 14.90 5.06
N LYS A 482 21.92 15.90 5.81
CA LYS A 482 22.67 17.03 5.24
C LYS A 482 23.96 16.62 4.55
N THR A 483 24.63 15.61 5.11
CA THR A 483 25.90 15.14 4.56
C THR A 483 25.69 14.48 3.21
N THR A 484 24.68 13.62 3.14
CA THR A 484 24.41 12.87 1.93
C THR A 484 23.82 13.78 0.87
N ALA A 485 23.13 14.82 1.31
CA ALA A 485 22.47 15.76 0.40
C ALA A 485 23.47 16.64 -0.35
N ARG A 486 24.67 16.80 0.22
CA ARG A 486 25.67 17.66 -0.39
C ARG A 486 26.34 17.00 -1.60
N ASP A 487 26.17 15.68 -1.73
CA ASP A 487 26.87 14.92 -2.77
C ASP A 487 25.93 14.26 -3.78
N GLN A 488 24.65 14.24 -3.45
CA GLN A 488 23.67 13.46 -4.22
C GLN A 488 22.77 14.34 -5.07
N SER A 496 18.62 15.00 -5.78
CA SER A 496 18.64 16.38 -5.32
C SER A 496 18.38 16.47 -3.81
N MET A 497 18.48 15.33 -3.13
CA MET A 497 18.32 15.29 -1.67
C MET A 497 18.98 14.05 -1.05
N GLY A 498 18.87 13.92 0.28
CA GLY A 498 19.67 12.95 0.99
C GLY A 498 18.98 11.92 1.86
N ALA A 499 19.73 10.90 2.25
CA ALA A 499 19.21 9.72 2.93
C ALA A 499 18.41 9.98 4.19
N LYS A 500 17.26 9.31 4.28
CA LYS A 500 16.42 9.37 5.46
C LYS A 500 16.52 8.02 6.12
N SER A 501 16.17 7.95 7.39
CA SER A 501 16.07 6.66 8.03
C SER A 501 14.81 6.05 7.47
N LEU A 502 14.82 4.75 7.26
CA LEU A 502 13.61 4.07 6.86
C LEU A 502 13.06 3.36 8.09
N CYS A 503 13.71 2.27 8.48
CA CYS A 503 13.32 1.54 9.67
C CYS A 503 14.52 0.88 10.29
N ILE A 504 14.32 0.32 11.48
CA ILE A 504 15.33 -0.48 12.12
C ILE A 504 14.90 -1.93 12.05
N PRO A 505 15.37 -2.63 11.01
CA PRO A 505 15.07 -4.04 10.72
C PRO A 505 14.94 -4.90 11.97
N PHE A 506 13.91 -5.71 12.04
CA PHE A 506 13.78 -6.68 13.12
C PHE A 506 14.78 -7.80 12.84
N LYS A 507 15.09 -8.00 11.58
CA LYS A 507 16.06 -9.01 11.15
C LYS A 507 17.04 -8.38 10.18
N PRO A 508 18.09 -7.75 10.70
CA PRO A 508 19.03 -7.01 9.86
C PRO A 508 19.93 -7.98 9.11
N LEU A 509 20.56 -7.52 8.05
CA LEU A 509 21.36 -8.39 7.21
C LEU A 509 22.51 -9.01 7.97
N CYS A 510 23.35 -8.16 8.57
CA CYS A 510 24.47 -8.62 9.36
C CYS A 510 24.21 -8.41 10.84
N GLU A 511 24.91 -9.16 11.68
CA GLU A 511 24.89 -8.92 13.11
C GLU A 511 25.99 -7.93 13.41
N LEU A 512 25.82 -7.13 14.45
CA LEU A 512 26.80 -6.12 14.80
C LEU A 512 27.99 -6.75 15.53
N GLN A 513 29.17 -6.16 15.36
CA GLN A 513 30.40 -6.70 15.92
C GLN A 513 30.78 -5.94 17.20
N PRO A 514 31.55 -6.58 18.10
CA PRO A 514 31.73 -6.12 19.50
C PRO A 514 31.89 -4.62 19.75
N GLY A 515 32.99 -4.04 19.28
CA GLY A 515 33.12 -2.60 19.28
C GLY A 515 32.72 -2.20 17.89
N ALA A 516 31.91 -1.16 17.78
CA ALA A 516 31.36 -0.80 16.50
C ALA A 516 30.72 0.55 16.65
N LYS A 517 30.93 1.41 15.68
CA LYS A 517 30.53 2.79 15.83
C LYS A 517 29.66 3.28 14.69
N CYS A 518 28.77 4.20 15.04
CA CYS A 518 27.92 4.92 14.10
C CYS A 518 28.79 5.41 12.95
N VAL A 519 28.18 5.67 11.80
CA VAL A 519 28.95 6.13 10.65
C VAL A 519 29.66 7.45 10.95
N CYS A 520 29.11 8.18 11.92
CA CYS A 520 29.69 9.45 12.33
C CYS A 520 31.11 9.29 12.81
N GLY A 521 31.32 8.29 13.67
CA GLY A 521 32.63 8.01 14.21
C GLY A 521 32.79 8.44 15.65
N LYS A 522 31.71 8.91 16.26
CA LYS A 522 31.78 9.38 17.64
C LYS A 522 31.26 8.36 18.63
N ASN A 523 30.04 7.90 18.38
CA ASN A 523 29.33 7.03 19.32
C ASN A 523 29.31 5.58 18.86
N PRO A 524 28.99 4.65 19.77
CA PRO A 524 28.89 3.26 19.32
C PRO A 524 27.53 2.97 18.69
N ALA A 525 27.47 1.92 17.87
CA ALA A 525 26.27 1.58 17.11
C ALA A 525 25.29 0.73 17.91
N LYS A 526 24.08 1.25 18.11
CA LYS A 526 23.07 0.54 18.87
C LYS A 526 22.41 -0.54 18.05
N TYR A 527 22.35 -0.33 16.73
CA TYR A 527 21.65 -1.25 15.85
C TYR A 527 21.89 -0.92 14.39
N TYR A 528 22.02 -1.95 13.57
CA TYR A 528 22.04 -1.78 12.12
C TYR A 528 20.72 -1.12 11.71
N THR A 529 20.80 -0.10 10.87
CA THR A 529 19.63 0.72 10.56
C THR A 529 19.50 1.06 9.09
N LEU A 530 18.30 0.86 8.53
CA LEU A 530 18.06 1.06 7.11
C LEU A 530 17.90 2.53 6.76
N PHE A 531 18.75 3.01 5.87
CA PHE A 531 18.67 4.39 5.39
C PHE A 531 18.51 4.41 3.88
N GLY A 532 17.98 5.52 3.37
CA GLY A 532 17.86 5.71 1.94
C GLY A 532 17.13 6.99 1.59
N ARG A 533 17.11 7.33 0.31
CA ARG A 533 16.29 8.44 -0.15
C ARG A 533 14.86 7.92 -0.23
N SER A 534 13.89 8.74 0.15
CA SER A 534 12.51 8.25 0.22
C SER A 534 11.53 9.05 -0.62
N TYR A 535 10.25 8.85 -0.35
CA TYR A 535 9.18 9.51 -1.08
C TYR A 535 8.43 10.49 -0.21
#